data_4M4P
#
_entry.id   4M4P
#
_cell.length_a   112.589
_cell.length_b   112.589
_cell.length_c   49.552
_cell.angle_alpha   90.00
_cell.angle_beta   90.00
_cell.angle_gamma   120.00
#
_symmetry.space_group_name_H-M   'P 32'
#
loop_
_entity.id
_entity.type
_entity.pdbx_description
1 polymer 'Ephrin type-A receptor 4'
2 branched 2-acetamido-2-deoxy-beta-D-glucopyranose-(1-4)-2-acetamido-2-deoxy-beta-D-glucopyranose
3 non-polymer 2-acetamido-2-deoxy-beta-D-glucopyranose
4 water water
#
_entity_poly.entity_id   1
_entity_poly.type   'polypeptide(L)'
_entity_poly.pdbx_seq_one_letter_code
;APANEVTLLDSRSVQGELGWIASPLEGGWEEVSIMDEKNTPIRTYQVCNVMEPSQNNWLRTDWITREGAQRVYIEIKFTL
RDCNSLPGVMGTCKETFNLYYYESDNDKERFIRENQFVKIDTIAADESFTQVDIGDRIMKLNTEIRDVGPLSKKGFYLAF
QDVGACIALVSVRVFYKKCPLTVRNLAQFPDTITGADTSSLVEVRGSCVNNSEEKDVPKMYCGADGEWLVPIGNCLCNAG
HEERSGECQACKIGYYKALSTDATCAKCPPHSYSVWEGATSCTCDRGFFRADNDAASMPCTRPPSAPLNLISNVNETSVN
LEWSSPQNTGGRQDISYNVVCKKCGAGDPSKCRPCGSGVHYTPQQNGLKTTKVSITDLLAHTNYTFEIWAVNGVSKYNPN
PDQSVSVTVTTNQAAPSSIALVQAKEVTRYSVALAWLEPDRPNGVILEYEVKYYEKDQNERSYRIVRTAARNTDIKGLNP
LTSYVFHVRARTAAGYGDFSEPLEVTTNTVPSRIIGDG
;
_entity_poly.pdbx_strand_id   A
#
# COMPACT_ATOMS: atom_id res chain seq x y z
N PRO A 2 29.67 -4.39 -20.18
CA PRO A 2 28.43 -4.30 -19.40
C PRO A 2 28.62 -4.74 -17.94
N ALA A 3 27.57 -4.66 -17.12
CA ALA A 3 27.67 -5.05 -15.71
C ALA A 3 27.75 -6.57 -15.54
N ASN A 4 27.47 -7.32 -16.60
CA ASN A 4 27.60 -8.77 -16.55
C ASN A 4 28.94 -9.29 -17.10
N GLU A 5 29.84 -8.38 -17.47
CA GLU A 5 31.14 -8.82 -17.99
C GLU A 5 32.28 -8.33 -17.11
N VAL A 6 33.31 -9.13 -16.96
CA VAL A 6 34.50 -8.68 -16.25
C VAL A 6 35.70 -8.87 -17.17
N THR A 7 36.37 -7.77 -17.50
CA THR A 7 37.46 -7.81 -18.46
C THR A 7 38.72 -8.38 -17.81
N LEU A 8 39.25 -9.46 -18.39
CA LEU A 8 40.53 -10.05 -18.00
C LEU A 8 41.72 -9.44 -18.74
N LEU A 9 41.53 -9.14 -20.03
CA LEU A 9 42.55 -8.51 -20.86
C LEU A 9 41.88 -7.64 -21.91
N ASP A 10 42.41 -6.44 -22.15
CA ASP A 10 42.00 -5.64 -23.30
C ASP A 10 43.22 -5.01 -23.99
N SER A 11 43.48 -5.39 -25.24
CA SER A 11 44.67 -4.94 -25.95
C SER A 11 44.65 -3.45 -26.23
N ARG A 12 43.47 -2.85 -26.24
CA ARG A 12 43.32 -1.42 -26.57
C ARG A 12 43.65 -0.57 -25.35
N SER A 13 43.36 -1.13 -24.19
CA SER A 13 43.71 -0.50 -22.93
C SER A 13 45.21 -0.55 -22.72
N VAL A 14 45.82 -1.66 -23.11
CA VAL A 14 47.23 -1.85 -22.81
C VAL A 14 48.09 -0.79 -23.49
N GLN A 15 48.87 -0.09 -22.66
CA GLN A 15 49.70 1.04 -23.09
C GLN A 15 51.06 0.57 -23.57
N GLY A 16 51.60 1.25 -24.58
CA GLY A 16 53.03 1.18 -24.81
C GLY A 16 53.63 -0.19 -25.08
N GLU A 17 53.24 -0.84 -26.18
CA GLU A 17 53.84 -2.13 -26.52
C GLU A 17 53.53 -3.26 -25.54
N LEU A 18 52.38 -3.89 -25.75
CA LEU A 18 51.69 -4.74 -24.76
C LEU A 18 52.46 -5.77 -23.91
N GLY A 19 53.61 -6.30 -24.36
CA GLY A 19 53.94 -6.54 -25.74
C GLY A 19 53.83 -8.04 -25.90
N TRP A 20 53.78 -8.54 -27.12
CA TRP A 20 53.46 -9.95 -27.27
C TRP A 20 54.57 -10.71 -27.98
N ILE A 21 54.80 -11.93 -27.54
CA ILE A 21 55.86 -12.72 -28.15
C ILE A 21 55.39 -13.22 -29.51
N ALA A 22 56.21 -13.04 -30.52
CA ALA A 22 55.88 -13.52 -31.84
C ALA A 22 56.90 -14.61 -32.15
N SER A 23 56.49 -15.66 -32.84
CA SER A 23 57.50 -16.56 -33.38
C SER A 23 57.02 -16.99 -34.76
N PRO A 24 57.85 -16.80 -35.80
CA PRO A 24 59.15 -16.08 -35.72
C PRO A 24 59.05 -14.61 -35.26
N LEU A 25 60.14 -14.12 -34.67
CA LEU A 25 60.30 -12.77 -34.12
C LEU A 25 60.28 -11.71 -35.20
N GLU A 26 60.71 -12.10 -36.40
CA GLU A 26 60.72 -11.18 -37.53
C GLU A 26 60.21 -11.94 -38.74
N GLY A 27 59.40 -11.27 -39.58
CA GLY A 27 58.99 -11.79 -40.86
C GLY A 27 57.65 -12.47 -40.78
N GLY A 28 57.16 -12.52 -39.54
CA GLY A 28 55.86 -13.02 -39.14
C GLY A 28 54.89 -11.90 -38.78
N TRP A 29 54.17 -12.10 -37.69
CA TRP A 29 53.36 -11.02 -37.13
C TRP A 29 54.22 -9.81 -36.81
N GLU A 30 53.78 -8.64 -37.25
CA GLU A 30 54.52 -7.40 -37.04
C GLU A 30 53.65 -6.44 -36.26
N GLU A 31 54.20 -5.84 -35.21
CA GLU A 31 53.46 -4.84 -34.43
C GLU A 31 53.52 -3.48 -35.12
N VAL A 32 52.38 -2.82 -35.25
CA VAL A 32 52.39 -1.45 -35.76
C VAL A 32 51.24 -0.69 -35.08
N SER A 33 51.40 0.63 -34.89
CA SER A 33 50.42 1.46 -34.22
C SER A 33 49.49 1.97 -35.28
N ILE A 34 48.19 1.88 -35.03
CA ILE A 34 47.18 2.49 -35.90
C ILE A 34 46.61 3.74 -35.23
N MET A 35 46.30 4.76 -36.02
CA MET A 35 45.75 6.00 -35.48
C MET A 35 44.23 6.06 -35.50
N ASP A 36 43.63 6.32 -34.34
CA ASP A 36 42.18 6.50 -34.21
C ASP A 36 41.74 7.90 -34.65
N GLU A 37 40.43 8.19 -34.50
CA GLU A 37 39.90 9.53 -34.69
C GLU A 37 40.58 10.45 -33.69
N LYS A 38 40.65 9.94 -32.47
CA LYS A 38 41.30 10.59 -31.36
C LYS A 38 41.15 9.54 -30.27
N ASN A 39 42.05 9.51 -29.29
CA ASN A 39 43.30 10.29 -29.29
C ASN A 39 44.56 9.46 -29.59
N THR A 40 44.83 8.51 -28.69
CA THR A 40 46.09 7.77 -28.62
C THR A 40 46.24 6.66 -29.66
N PRO A 41 47.48 6.21 -29.94
CA PRO A 41 47.68 5.08 -30.85
C PRO A 41 47.18 3.76 -30.26
N ILE A 42 46.83 2.81 -31.12
CA ILE A 42 46.44 1.49 -30.66
C ILE A 42 47.37 0.46 -31.28
N ARG A 43 47.98 -0.37 -30.44
CA ARG A 43 48.93 -1.37 -30.93
C ARG A 43 48.21 -2.52 -31.61
N THR A 44 48.57 -2.81 -32.86
CA THR A 44 47.93 -3.88 -33.64
C THR A 44 49.02 -4.79 -34.16
N TYR A 45 48.64 -5.94 -34.70
CA TYR A 45 49.59 -6.86 -35.32
C TYR A 45 49.13 -7.20 -36.72
N GLN A 46 50.03 -7.10 -37.70
CA GLN A 46 49.62 -7.37 -39.08
C GLN A 46 50.60 -8.37 -39.72
N VAL A 47 50.11 -9.19 -40.64
CA VAL A 47 50.99 -9.97 -41.49
C VAL A 47 50.22 -10.28 -42.77
N CYS A 48 50.88 -10.17 -43.93
CA CYS A 48 50.26 -10.68 -45.16
C CYS A 48 51.30 -11.35 -46.03
N ASN A 49 51.63 -12.58 -45.68
CA ASN A 49 52.74 -13.35 -46.25
C ASN A 49 52.19 -14.25 -47.36
N VAL A 50 51.19 -13.73 -48.05
CA VAL A 50 50.31 -14.50 -48.91
C VAL A 50 50.93 -15.14 -50.16
N MET A 51 52.21 -14.88 -50.47
CA MET A 51 52.86 -15.52 -51.62
C MET A 51 53.68 -16.73 -51.24
N GLU A 52 53.72 -17.05 -49.96
CA GLU A 52 54.56 -18.15 -49.50
C GLU A 52 53.75 -19.45 -49.54
N PRO A 53 54.42 -20.57 -49.84
CA PRO A 53 53.76 -21.88 -49.96
C PRO A 53 53.06 -22.28 -48.66
N SER A 54 53.76 -22.11 -47.55
CA SER A 54 53.19 -22.38 -46.25
C SER A 54 53.64 -21.27 -45.32
N GLN A 55 52.85 -21.02 -44.29
CA GLN A 55 53.23 -20.08 -43.24
C GLN A 55 52.82 -20.71 -41.92
N ASN A 56 53.63 -20.51 -40.89
CA ASN A 56 53.20 -20.82 -39.55
C ASN A 56 53.75 -19.71 -38.65
N ASN A 57 52.95 -18.68 -38.43
CA ASN A 57 53.39 -17.51 -37.69
C ASN A 57 52.58 -17.45 -36.44
N TRP A 58 53.26 -17.46 -35.30
CA TRP A 58 52.59 -17.45 -34.01
C TRP A 58 52.72 -16.14 -33.28
N LEU A 59 51.67 -15.77 -32.55
CA LEU A 59 51.69 -14.58 -31.70
C LEU A 59 51.03 -14.98 -30.41
N ARG A 60 51.62 -14.67 -29.27
CA ARG A 60 51.06 -15.15 -28.00
C ARG A 60 50.89 -13.98 -27.04
N THR A 61 49.75 -13.91 -26.35
CA THR A 61 49.58 -12.82 -25.42
C THR A 61 50.51 -13.05 -24.22
N ASP A 62 50.56 -12.06 -23.34
CA ASP A 62 51.11 -12.24 -22.02
C ASP A 62 50.12 -13.12 -21.22
N TRP A 63 50.58 -13.65 -20.09
CA TRP A 63 49.73 -14.48 -19.24
C TRP A 63 48.46 -13.72 -18.82
N ILE A 64 47.32 -14.41 -18.83
CA ILE A 64 46.06 -13.80 -18.42
C ILE A 64 45.51 -14.56 -17.20
N THR A 65 45.34 -13.89 -16.07
CA THR A 65 44.73 -14.53 -14.92
C THR A 65 43.29 -14.88 -15.23
N ARG A 66 42.79 -16.01 -14.74
CA ARG A 66 41.39 -16.32 -14.97
C ARG A 66 40.53 -15.75 -13.83
N GLU A 67 41.18 -15.20 -12.82
CA GLU A 67 40.50 -14.83 -11.59
C GLU A 67 39.73 -16.07 -11.11
N GLY A 68 38.42 -15.94 -10.91
CA GLY A 68 37.63 -17.11 -10.51
C GLY A 68 36.84 -17.80 -11.61
N ALA A 69 37.02 -17.35 -12.85
CA ALA A 69 36.15 -17.77 -13.96
C ALA A 69 36.45 -19.21 -14.42
N GLN A 70 35.42 -19.95 -14.77
CA GLN A 70 35.56 -21.19 -15.51
C GLN A 70 35.46 -21.03 -17.02
N ARG A 71 34.52 -20.21 -17.46
CA ARG A 71 34.17 -20.10 -18.88
C ARG A 71 34.62 -18.70 -19.30
N VAL A 72 35.55 -18.62 -20.23
CA VAL A 72 36.12 -17.34 -20.59
C VAL A 72 35.83 -17.04 -22.04
N TYR A 73 35.52 -15.79 -22.35
CA TYR A 73 35.15 -15.37 -23.71
C TYR A 73 36.28 -14.54 -24.32
N ILE A 74 36.48 -14.69 -25.62
CA ILE A 74 37.55 -14.01 -26.33
C ILE A 74 36.94 -13.28 -27.52
N GLU A 75 37.03 -11.96 -27.51
CA GLU A 75 36.48 -11.14 -28.59
C GLU A 75 37.65 -10.60 -29.42
N ILE A 76 37.68 -10.99 -30.69
CA ILE A 76 38.77 -10.59 -31.57
C ILE A 76 38.22 -9.70 -32.66
N LYS A 77 38.81 -8.52 -32.84
CA LYS A 77 38.42 -7.66 -33.95
C LYS A 77 39.58 -7.63 -34.89
N PHE A 78 39.31 -7.82 -36.18
CA PHE A 78 40.39 -7.98 -37.14
C PHE A 78 39.91 -7.61 -38.53
N THR A 79 40.88 -7.31 -39.40
CA THR A 79 40.55 -7.07 -40.80
C THR A 79 41.16 -8.18 -41.58
N LEU A 80 40.58 -8.46 -42.74
CA LEU A 80 41.05 -9.55 -43.59
C LEU A 80 40.97 -9.06 -45.03
N ARG A 81 42.08 -9.16 -45.79
CA ARG A 81 42.00 -8.78 -47.20
C ARG A 81 41.60 -10.01 -48.02
N ASP A 82 40.59 -9.86 -48.87
CA ASP A 82 40.13 -10.94 -49.74
C ASP A 82 41.24 -11.42 -50.65
N CYS A 83 41.47 -12.73 -50.68
CA CYS A 83 42.53 -13.29 -51.53
C CYS A 83 42.37 -12.92 -52.98
N ASN A 84 41.12 -12.88 -53.43
CA ASN A 84 40.78 -12.48 -54.78
C ASN A 84 41.23 -11.07 -55.14
N SER A 85 41.42 -10.21 -54.14
CA SER A 85 41.83 -8.83 -54.45
C SER A 85 43.34 -8.75 -54.59
N LEU A 86 44.03 -9.84 -54.26
CA LEU A 86 45.48 -9.91 -54.40
C LEU A 86 45.83 -10.71 -55.66
N PRO A 87 46.65 -10.13 -56.55
CA PRO A 87 46.89 -10.83 -57.82
C PRO A 87 47.73 -12.12 -57.74
N GLY A 88 47.18 -13.20 -58.32
CA GLY A 88 47.87 -14.46 -58.51
C GLY A 88 48.20 -15.27 -57.27
N VAL A 89 47.52 -15.00 -56.16
CA VAL A 89 47.80 -15.71 -54.89
C VAL A 89 46.91 -16.89 -54.59
N MET A 90 46.06 -17.30 -55.52
CA MET A 90 45.27 -18.50 -55.28
C MET A 90 46.18 -19.70 -54.92
N GLY A 91 45.79 -20.48 -53.93
CA GLY A 91 46.56 -21.65 -53.57
C GLY A 91 47.54 -21.42 -52.43
N THR A 92 47.93 -20.17 -52.23
CA THR A 92 48.77 -19.81 -51.11
C THR A 92 47.96 -19.03 -50.08
N CYS A 93 47.29 -17.99 -50.56
CA CYS A 93 46.52 -17.08 -49.71
C CYS A 93 45.36 -17.77 -48.97
N LYS A 94 45.20 -17.47 -47.69
CA LYS A 94 44.08 -17.98 -46.91
C LYS A 94 43.19 -16.86 -46.34
N GLU A 95 41.95 -17.20 -46.04
CA GLU A 95 40.97 -16.32 -45.41
C GLU A 95 40.67 -16.58 -43.93
N THR A 96 41.50 -17.39 -43.27
CA THR A 96 41.24 -17.77 -41.88
C THR A 96 42.51 -17.64 -41.11
N PHE A 97 42.42 -17.63 -39.79
CA PHE A 97 43.60 -17.82 -38.92
C PHE A 97 43.17 -18.73 -37.78
N ASN A 98 44.12 -19.25 -37.02
CA ASN A 98 43.76 -20.22 -35.99
C ASN A 98 43.98 -19.60 -34.62
N LEU A 99 43.13 -19.98 -33.69
CA LEU A 99 43.20 -19.45 -32.32
C LEU A 99 43.42 -20.61 -31.34
N TYR A 100 44.34 -20.42 -30.39
CA TYR A 100 44.68 -21.47 -29.43
C TYR A 100 44.75 -20.87 -28.04
N TYR A 101 44.73 -21.74 -27.02
CA TYR A 101 45.12 -21.30 -25.67
C TYR A 101 45.84 -22.43 -24.93
N TYR A 102 46.51 -22.09 -23.84
CA TYR A 102 46.96 -23.12 -22.92
C TYR A 102 47.02 -22.55 -21.52
N GLU A 103 46.57 -23.36 -20.58
CA GLU A 103 46.38 -22.91 -19.22
C GLU A 103 47.71 -23.11 -18.55
N SER A 104 48.06 -22.23 -17.65
CA SER A 104 49.31 -22.40 -16.93
C SER A 104 49.32 -21.68 -15.60
N ASP A 105 50.01 -22.26 -14.63
CA ASP A 105 50.29 -21.63 -13.37
C ASP A 105 51.56 -20.77 -13.47
N ASN A 106 52.31 -20.88 -14.57
CA ASN A 106 53.52 -20.09 -14.75
C ASN A 106 53.15 -18.81 -15.52
N ASP A 107 53.20 -17.65 -14.85
CA ASP A 107 52.81 -16.38 -15.45
C ASP A 107 53.98 -15.76 -16.23
N LYS A 108 55.14 -16.40 -16.10
CA LYS A 108 56.40 -15.94 -16.68
C LYS A 108 57.02 -16.72 -17.85
N GLU A 109 56.24 -17.53 -18.56
CA GLU A 109 56.80 -18.33 -19.66
C GLU A 109 57.52 -17.46 -20.71
N ARG A 110 58.77 -17.82 -21.01
CA ARG A 110 59.62 -16.99 -21.87
C ARG A 110 59.38 -17.24 -23.37
N PHE A 111 58.96 -18.45 -23.71
CA PHE A 111 58.84 -18.81 -25.11
C PHE A 111 57.46 -19.33 -25.42
N ILE A 112 57.02 -19.12 -26.65
CA ILE A 112 55.76 -19.71 -27.07
C ILE A 112 55.90 -21.23 -27.03
N ARG A 113 54.99 -21.92 -26.35
CA ARG A 113 55.01 -23.40 -26.34
C ARG A 113 54.86 -23.95 -27.76
N GLU A 114 55.56 -25.01 -28.07
CA GLU A 114 55.39 -25.64 -29.39
C GLU A 114 54.51 -26.90 -29.42
N ASN A 115 54.04 -27.35 -28.25
CA ASN A 115 53.21 -28.54 -28.20
C ASN A 115 51.90 -28.45 -27.40
N GLN A 116 52.01 -28.11 -26.13
CA GLN A 116 50.91 -28.24 -25.16
C GLN A 116 49.64 -27.36 -25.37
N PHE A 117 49.62 -26.53 -26.40
CA PHE A 117 48.45 -25.70 -26.70
C PHE A 117 47.20 -26.51 -27.10
N VAL A 118 46.02 -25.89 -26.98
CA VAL A 118 44.81 -26.48 -27.54
C VAL A 118 44.02 -25.51 -28.45
N LYS A 119 43.57 -26.05 -29.56
CA LYS A 119 42.98 -25.23 -30.61
C LYS A 119 41.59 -24.82 -30.18
N ILE A 120 41.32 -23.53 -30.20
CA ILE A 120 39.97 -23.08 -29.93
C ILE A 120 39.13 -23.15 -31.20
N ASP A 121 39.64 -22.60 -32.31
CA ASP A 121 38.86 -22.68 -33.56
C ASP A 121 39.69 -22.16 -34.69
N THR A 122 39.28 -22.52 -35.91
CA THR A 122 39.71 -21.79 -37.10
C THR A 122 38.73 -20.63 -37.27
N ILE A 123 39.23 -19.41 -37.28
CA ILE A 123 38.34 -18.25 -37.35
C ILE A 123 38.25 -17.81 -38.79
N ALA A 124 37.03 -17.71 -39.30
CA ALA A 124 36.75 -17.15 -40.61
C ALA A 124 36.02 -15.81 -40.47
N ALA A 125 36.17 -14.92 -41.44
CA ALA A 125 35.38 -13.70 -41.43
C ALA A 125 34.16 -13.95 -42.30
N ASP A 126 32.97 -13.75 -41.74
CA ASP A 126 31.78 -13.73 -42.57
C ASP A 126 31.47 -12.28 -42.97
N GLU A 127 31.54 -11.99 -44.27
CA GLU A 127 31.39 -10.63 -44.82
C GLU A 127 30.18 -9.83 -44.33
N SER A 128 29.02 -10.45 -44.27
CA SER A 128 27.77 -9.74 -43.96
C SER A 128 27.68 -9.19 -42.53
N PHE A 129 28.58 -9.67 -41.67
CA PHE A 129 28.62 -9.25 -40.26
C PHE A 129 29.59 -8.08 -40.02
N THR A 130 30.13 -7.52 -41.10
CA THR A 130 31.07 -6.40 -40.98
C THR A 130 30.45 -5.16 -40.32
N GLN A 131 31.26 -4.46 -39.54
CA GLN A 131 30.84 -3.24 -38.87
C GLN A 131 31.72 -2.07 -39.31
N VAL A 132 31.14 -0.87 -39.28
CA VAL A 132 31.92 0.33 -39.51
C VAL A 132 32.47 0.80 -38.17
N ASP A 133 33.79 0.83 -38.07
CA ASP A 133 34.43 1.36 -36.89
C ASP A 133 34.99 2.75 -37.23
N ILE A 134 34.31 3.78 -36.72
CA ILE A 134 34.67 5.16 -37.02
C ILE A 134 35.82 5.67 -36.15
N GLY A 135 35.88 5.19 -34.91
CA GLY A 135 36.89 5.59 -33.95
C GLY A 135 38.32 5.36 -34.42
N ASP A 136 38.64 4.14 -34.81
CA ASP A 136 39.98 3.79 -35.30
C ASP A 136 40.13 3.95 -36.83
N ARG A 137 39.12 4.51 -37.48
CA ARG A 137 39.13 4.72 -38.95
C ARG A 137 39.33 3.43 -39.75
N ILE A 138 38.52 2.43 -39.46
CA ILE A 138 38.57 1.15 -40.19
C ILE A 138 37.19 0.84 -40.77
N MET A 139 37.10 0.82 -42.10
CA MET A 139 35.82 0.64 -42.78
C MET A 139 35.18 -0.73 -42.56
N LYS A 140 35.94 -1.80 -42.84
CA LYS A 140 35.43 -3.15 -42.68
C LYS A 140 36.16 -3.92 -41.57
N LEU A 141 35.47 -4.06 -40.45
CA LEU A 141 36.05 -4.69 -39.29
C LEU A 141 35.24 -5.94 -38.99
N ASN A 142 35.93 -7.04 -38.79
CA ASN A 142 35.24 -8.27 -38.37
C ASN A 142 35.35 -8.42 -36.86
N THR A 143 34.32 -8.95 -36.25
CA THR A 143 34.33 -9.21 -34.83
C THR A 143 33.86 -10.64 -34.64
N GLU A 144 34.66 -11.44 -33.97
CA GLU A 144 34.31 -12.83 -33.71
C GLU A 144 34.53 -13.10 -32.23
N ILE A 145 33.63 -13.87 -31.64
CA ILE A 145 33.75 -14.19 -30.23
C ILE A 145 33.79 -15.70 -30.11
N ARG A 146 34.73 -16.21 -29.32
CA ARG A 146 34.82 -17.64 -29.03
C ARG A 146 34.95 -17.78 -27.52
N ASP A 147 34.78 -19.00 -27.00
CA ASP A 147 34.89 -19.21 -25.56
C ASP A 147 35.65 -20.50 -25.23
N VAL A 148 36.28 -20.54 -24.06
CA VAL A 148 37.06 -21.71 -23.65
C VAL A 148 36.73 -22.08 -22.21
N GLY A 149 36.97 -23.34 -21.87
CA GLY A 149 36.83 -23.79 -20.50
C GLY A 149 36.42 -25.24 -20.50
N PRO A 150 36.09 -25.78 -19.31
CA PRO A 150 36.25 -25.09 -18.00
C PRO A 150 37.71 -24.92 -17.59
N LEU A 151 38.12 -23.69 -17.25
CA LEU A 151 39.50 -23.41 -16.86
C LEU A 151 39.77 -23.75 -15.39
N SER A 152 40.86 -24.49 -15.14
CA SER A 152 41.24 -24.86 -13.76
C SER A 152 42.54 -24.29 -13.17
N LYS A 153 43.38 -23.65 -13.97
CA LYS A 153 44.67 -23.19 -13.44
C LYS A 153 44.61 -21.72 -13.17
N LYS A 154 45.65 -21.16 -12.55
CA LYS A 154 45.63 -19.75 -12.17
C LYS A 154 45.43 -18.82 -13.36
N GLY A 155 45.91 -19.23 -14.54
CA GLY A 155 45.78 -18.38 -15.71
C GLY A 155 45.98 -19.15 -16.99
N PHE A 156 46.12 -18.40 -18.09
CA PHE A 156 46.28 -19.02 -19.41
C PHE A 156 46.92 -18.05 -20.41
N TYR A 157 47.43 -18.60 -21.52
CA TYR A 157 47.96 -17.79 -22.62
C TYR A 157 47.07 -18.00 -23.83
N LEU A 158 46.84 -16.94 -24.59
CA LEU A 158 46.07 -17.05 -25.84
C LEU A 158 47.08 -16.98 -26.94
N ALA A 159 46.91 -17.74 -28.02
CA ALA A 159 47.85 -17.62 -29.12
C ALA A 159 47.13 -17.55 -30.47
N PHE A 160 47.71 -16.84 -31.43
CA PHE A 160 47.14 -16.69 -32.76
C PHE A 160 48.10 -17.31 -33.74
N GLN A 161 47.61 -18.17 -34.61
CA GLN A 161 48.47 -18.75 -35.64
C GLN A 161 47.98 -18.26 -37.00
N ASP A 162 48.85 -17.54 -37.71
CA ASP A 162 48.62 -17.18 -39.12
C ASP A 162 49.23 -18.25 -40.04
N VAL A 163 48.39 -18.80 -40.91
CA VAL A 163 48.79 -19.76 -41.92
C VAL A 163 48.93 -19.20 -43.33
N GLY A 164 48.96 -17.88 -43.48
CA GLY A 164 49.03 -17.30 -44.81
C GLY A 164 47.86 -16.42 -45.22
N ALA A 165 47.24 -15.77 -44.24
CA ALA A 165 46.17 -14.83 -44.56
C ALA A 165 46.72 -13.43 -44.65
N CYS A 166 45.86 -12.49 -45.06
CA CYS A 166 46.27 -11.09 -45.08
C CYS A 166 45.45 -10.40 -44.01
N ILE A 167 46.05 -10.26 -42.83
CA ILE A 167 45.25 -10.01 -41.64
C ILE A 167 45.87 -8.92 -40.77
N ALA A 168 45.02 -8.11 -40.15
CA ALA A 168 45.45 -7.21 -39.08
C ALA A 168 44.62 -7.52 -37.87
N LEU A 169 45.27 -7.82 -36.75
CA LEU A 169 44.58 -8.00 -35.47
C LEU A 169 44.48 -6.64 -34.83
N VAL A 170 43.28 -6.10 -34.82
CA VAL A 170 43.01 -4.75 -34.32
C VAL A 170 42.80 -4.69 -32.81
N SER A 171 42.02 -5.64 -32.28
CA SER A 171 41.85 -5.70 -30.83
C SER A 171 41.50 -7.08 -30.33
N VAL A 172 41.94 -7.36 -29.11
CA VAL A 172 41.63 -8.61 -28.44
C VAL A 172 41.08 -8.27 -27.07
N ARG A 173 39.90 -8.78 -26.75
CA ARG A 173 39.34 -8.54 -25.43
C ARG A 173 38.94 -9.87 -24.81
N VAL A 174 39.44 -10.12 -23.61
CA VAL A 174 39.19 -11.39 -22.95
C VAL A 174 38.43 -11.12 -21.67
N PHE A 175 37.35 -11.85 -21.45
CA PHE A 175 36.46 -11.55 -20.32
C PHE A 175 35.66 -12.76 -19.84
N TYR A 176 35.16 -12.65 -18.62
CA TYR A 176 34.18 -13.64 -18.18
C TYR A 176 32.87 -13.00 -17.84
N LYS A 177 31.87 -13.83 -17.55
CA LYS A 177 30.55 -13.32 -17.29
C LYS A 177 30.10 -13.65 -15.88
N LYS A 178 29.31 -12.75 -15.31
CA LYS A 178 28.80 -12.88 -13.96
C LYS A 178 27.38 -12.37 -13.96
N CYS A 179 26.53 -12.93 -13.11
CA CYS A 179 25.24 -12.30 -12.84
C CYS A 179 25.46 -11.23 -11.75
N PRO A 180 25.12 -9.96 -12.05
CA PRO A 180 25.44 -8.86 -11.13
C PRO A 180 24.55 -8.86 -9.87
N LEU A 181 25.09 -8.32 -8.78
CA LEU A 181 24.40 -8.26 -7.51
C LEU A 181 23.00 -7.68 -7.69
N THR A 182 22.00 -8.33 -7.09
CA THR A 182 20.63 -7.86 -7.23
C THR A 182 19.76 -8.24 -6.05
N VAL A 183 18.67 -7.52 -5.90
CA VAL A 183 17.67 -7.83 -4.87
C VAL A 183 16.40 -8.30 -5.57
N ARG A 184 15.91 -9.48 -5.16
CA ARG A 184 14.68 -10.02 -5.72
C ARG A 184 13.79 -10.53 -4.59
N ASN A 185 12.54 -10.06 -4.54
CA ASN A 185 11.58 -10.50 -3.53
C ASN A 185 12.14 -10.37 -2.10
N LEU A 186 12.79 -9.23 -1.84
CA LEU A 186 13.36 -8.89 -0.55
C LEU A 186 14.51 -9.83 -0.13
N ALA A 187 15.13 -10.46 -1.13
CA ALA A 187 16.33 -11.28 -0.91
C ALA A 187 17.52 -10.77 -1.72
N GLN A 188 18.68 -10.63 -1.08
CA GLN A 188 19.85 -10.21 -1.84
C GLN A 188 20.57 -11.42 -2.45
N PHE A 189 20.90 -11.30 -3.74
CA PHE A 189 21.76 -12.28 -4.43
C PHE A 189 23.08 -11.63 -4.86
N PRO A 190 24.22 -12.18 -4.40
CA PRO A 190 25.54 -11.61 -4.69
C PRO A 190 25.96 -11.72 -6.16
N ASP A 191 26.98 -10.96 -6.57
CA ASP A 191 27.63 -11.15 -7.85
C ASP A 191 27.99 -12.62 -7.96
N THR A 192 27.56 -13.24 -9.06
CA THR A 192 27.81 -14.68 -9.21
C THR A 192 28.48 -14.99 -10.55
N ILE A 193 29.70 -15.52 -10.49
CA ILE A 193 30.43 -15.91 -11.69
C ILE A 193 29.66 -17.04 -12.35
N THR A 194 29.54 -17.00 -13.67
CA THR A 194 28.76 -17.99 -14.41
C THR A 194 29.40 -19.36 -14.33
N GLY A 195 28.65 -20.40 -14.70
CA GLY A 195 29.08 -21.78 -14.55
C GLY A 195 30.12 -22.24 -15.55
N ALA A 196 30.34 -23.55 -15.61
CA ALA A 196 31.48 -24.13 -16.31
C ALA A 196 31.29 -24.11 -17.82
N ASP A 197 30.07 -24.33 -18.27
CA ASP A 197 29.78 -24.45 -19.70
C ASP A 197 28.82 -23.35 -20.15
N THR A 198 28.76 -23.12 -21.45
CA THR A 198 27.87 -22.07 -21.98
C THR A 198 26.39 -22.33 -21.71
N SER A 199 26.05 -23.55 -21.31
CA SER A 199 24.67 -23.87 -20.93
C SER A 199 24.41 -23.88 -19.42
N SER A 200 25.46 -23.66 -18.63
CA SER A 200 25.39 -23.86 -17.18
C SER A 200 24.43 -22.92 -16.48
N LEU A 201 23.80 -23.44 -15.44
CA LEU A 201 23.00 -22.64 -14.53
C LEU A 201 23.61 -22.80 -13.15
N VAL A 202 23.82 -21.68 -12.44
CA VAL A 202 24.37 -21.72 -11.11
C VAL A 202 23.28 -21.32 -10.14
N GLU A 203 22.89 -22.25 -9.28
CA GLU A 203 21.86 -21.99 -8.30
C GLU A 203 22.42 -21.16 -7.16
N VAL A 204 21.72 -20.08 -6.82
CA VAL A 204 22.17 -19.18 -5.77
C VAL A 204 21.06 -19.00 -4.74
N ARG A 205 21.43 -19.14 -3.48
CA ARG A 205 20.47 -18.92 -2.41
C ARG A 205 20.53 -17.45 -1.97
N GLY A 206 19.38 -16.81 -1.85
CA GLY A 206 19.35 -15.41 -1.47
C GLY A 206 19.44 -15.20 0.03
N SER A 207 19.85 -14.02 0.44
CA SER A 207 19.87 -13.63 1.85
C SER A 207 18.82 -12.57 2.11
N CYS A 208 18.01 -12.75 3.15
CA CYS A 208 16.99 -11.78 3.49
C CYS A 208 17.60 -10.40 3.76
N VAL A 209 16.99 -9.38 3.16
CA VAL A 209 17.47 -8.03 3.40
C VAL A 209 17.15 -7.60 4.84
N ASN A 210 17.85 -6.57 5.28
CA ASN A 210 17.55 -5.92 6.52
C ASN A 210 16.28 -5.10 6.24
N ASN A 211 15.23 -5.24 7.02
CA ASN A 211 15.09 -6.24 8.06
C ASN A 211 13.78 -6.96 7.78
N SER A 212 13.90 -8.20 7.36
CA SER A 212 12.76 -8.96 6.87
C SER A 212 13.03 -10.40 7.28
N GLU A 213 12.08 -11.29 6.99
CA GLU A 213 12.26 -12.68 7.39
C GLU A 213 11.90 -13.58 6.21
N GLU A 214 12.59 -14.71 6.08
CA GLU A 214 12.28 -15.62 4.99
C GLU A 214 10.88 -16.25 5.14
N LYS A 215 10.16 -16.32 4.03
CA LYS A 215 8.88 -17.02 3.97
C LYS A 215 9.12 -18.40 3.35
N ASP A 216 9.52 -18.41 2.07
CA ASP A 216 10.00 -19.61 1.39
C ASP A 216 11.44 -19.36 0.98
N VAL A 217 12.26 -20.40 0.96
CA VAL A 217 13.68 -20.23 0.71
C VAL A 217 13.93 -19.56 -0.63
N PRO A 218 14.52 -18.34 -0.61
CA PRO A 218 14.78 -17.61 -1.85
C PRO A 218 15.91 -18.21 -2.67
N LYS A 219 15.64 -18.49 -3.94
CA LYS A 219 16.62 -19.18 -4.80
C LYS A 219 16.49 -18.66 -6.22
N MET A 220 17.63 -18.50 -6.89
CA MET A 220 17.60 -18.04 -8.26
C MET A 220 18.80 -18.56 -9.04
N TYR A 221 18.58 -18.84 -10.32
CA TYR A 221 19.61 -19.35 -11.20
C TYR A 221 20.34 -18.22 -11.93
N CYS A 222 21.66 -18.30 -11.94
CA CYS A 222 22.47 -17.40 -12.72
C CYS A 222 22.71 -18.10 -14.05
N GLY A 223 22.22 -17.52 -15.15
CA GLY A 223 22.43 -18.04 -16.48
C GLY A 223 23.82 -17.75 -17.02
N ALA A 224 24.31 -18.60 -17.94
CA ALA A 224 25.66 -18.45 -18.49
C ALA A 224 25.86 -17.14 -19.25
N ASP A 225 24.78 -16.50 -19.64
CA ASP A 225 24.92 -15.24 -20.36
C ASP A 225 24.95 -14.08 -19.37
N GLY A 226 25.01 -14.41 -18.08
CA GLY A 226 25.07 -13.39 -17.05
C GLY A 226 23.71 -12.77 -16.71
N GLU A 227 22.63 -13.38 -17.22
CA GLU A 227 21.29 -12.96 -16.83
C GLU A 227 20.73 -13.90 -15.76
N TRP A 228 20.14 -13.32 -14.72
CA TRP A 228 19.43 -14.12 -13.72
C TRP A 228 18.14 -14.66 -14.32
N LEU A 229 17.74 -15.86 -13.90
CA LEU A 229 16.45 -16.42 -14.33
C LEU A 229 15.36 -16.06 -13.32
N VAL A 230 14.18 -16.65 -13.45
CA VAL A 230 13.06 -16.31 -12.55
C VAL A 230 13.33 -16.90 -11.16
N PRO A 231 13.36 -16.03 -10.14
CA PRO A 231 13.57 -16.48 -8.76
C PRO A 231 12.39 -17.26 -8.18
N ILE A 232 12.61 -18.00 -7.09
CA ILE A 232 11.52 -18.56 -6.29
C ILE A 232 11.81 -18.26 -4.84
N GLY A 233 10.80 -18.37 -3.99
CA GLY A 233 10.96 -18.02 -2.58
C GLY A 233 10.87 -16.51 -2.41
N ASN A 234 10.68 -16.07 -1.17
CA ASN A 234 10.65 -14.64 -0.91
C ASN A 234 10.95 -14.37 0.56
N CYS A 235 11.23 -13.11 0.87
CA CYS A 235 11.30 -12.69 2.24
C CYS A 235 10.18 -11.68 2.47
N LEU A 236 9.74 -11.54 3.72
CA LEU A 236 8.68 -10.60 4.06
C LEU A 236 9.19 -9.53 5.03
N CYS A 237 8.88 -8.27 4.72
CA CYS A 237 9.21 -7.16 5.64
C CYS A 237 8.64 -7.41 7.04
N ASN A 238 9.46 -7.16 8.05
CA ASN A 238 9.05 -7.34 9.43
C ASN A 238 7.91 -6.39 9.77
N ALA A 239 7.19 -6.66 10.86
CA ALA A 239 6.16 -5.74 11.31
C ALA A 239 6.78 -4.35 11.45
N GLY A 240 5.97 -3.31 11.22
CA GLY A 240 6.48 -1.94 11.26
C GLY A 240 7.29 -1.55 10.04
N HIS A 241 7.43 -2.44 9.07
CA HIS A 241 8.18 -2.13 7.85
C HIS A 241 7.43 -2.53 6.57
N GLU A 242 7.79 -1.92 5.44
CA GLU A 242 7.11 -2.19 4.16
C GLU A 242 8.10 -2.13 3.01
N GLU A 243 7.85 -2.91 1.97
CA GLU A 243 8.77 -2.96 0.83
C GLU A 243 8.76 -1.67 0.01
N ARG A 244 9.95 -1.10 -0.17
CA ARG A 244 10.17 0.02 -1.08
C ARG A 244 11.54 -0.13 -1.72
N SER A 245 11.60 0.00 -3.04
CA SER A 245 12.82 -0.29 -3.78
C SER A 245 13.16 -1.76 -3.51
N GLY A 246 14.39 -2.00 -3.10
CA GLY A 246 14.78 -3.33 -2.67
C GLY A 246 14.96 -3.43 -1.16
N GLU A 247 14.33 -2.52 -0.41
CA GLU A 247 14.55 -2.47 1.03
C GLU A 247 13.25 -2.53 1.82
N CYS A 248 13.35 -2.98 3.07
CA CYS A 248 12.23 -2.90 3.98
C CYS A 248 12.40 -1.64 4.83
N GLN A 249 11.58 -0.64 4.56
CA GLN A 249 11.71 0.63 5.26
C GLN A 249 10.63 0.76 6.32
N ALA A 250 10.99 1.37 7.43
CA ALA A 250 10.05 1.61 8.50
C ALA A 250 8.81 2.35 8.00
N CYS A 251 7.64 1.98 8.54
CA CYS A 251 6.37 2.61 8.20
C CYS A 251 6.45 4.09 8.52
N LYS A 252 5.93 4.93 7.63
CA LYS A 252 5.96 6.37 7.84
C LYS A 252 5.07 6.81 9.01
N ILE A 253 5.36 7.99 9.54
CA ILE A 253 4.60 8.53 10.65
C ILE A 253 3.10 8.57 10.35
N GLY A 254 2.29 8.09 11.29
CA GLY A 254 0.85 8.06 11.10
C GLY A 254 0.38 6.77 10.44
N TYR A 255 1.37 5.97 10.01
CA TYR A 255 1.12 4.69 9.37
C TYR A 255 1.66 3.56 10.25
N TYR A 256 1.15 2.36 10.01
CA TYR A 256 1.51 1.20 10.83
C TYR A 256 1.42 -0.11 10.05
N LYS A 257 2.17 -1.12 10.49
CA LYS A 257 1.95 -2.48 10.02
C LYS A 257 2.09 -3.46 11.19
N ALA A 258 1.03 -4.17 11.49
CA ALA A 258 1.01 -5.03 12.68
C ALA A 258 1.72 -6.36 12.49
N LEU A 259 1.51 -7.00 11.34
CA LEU A 259 2.10 -8.32 11.08
C LEU A 259 2.95 -8.35 9.82
N SER A 260 3.94 -9.24 9.80
CA SER A 260 4.77 -9.42 8.63
C SER A 260 3.97 -9.91 7.42
N THR A 261 2.93 -10.69 7.67
CA THR A 261 2.11 -11.24 6.60
C THR A 261 1.25 -10.19 5.89
N ASP A 262 1.13 -9.02 6.50
CA ASP A 262 0.45 -7.88 5.90
C ASP A 262 1.25 -7.32 4.72
N ALA A 263 0.56 -6.97 3.64
CA ALA A 263 1.21 -6.43 2.43
C ALA A 263 2.04 -5.17 2.67
N THR A 264 1.38 -4.09 3.04
CA THR A 264 2.01 -2.77 3.14
C THR A 264 1.63 -2.07 4.45
N CYS A 265 2.14 -0.86 4.62
CA CYS A 265 1.74 -0.04 5.77
C CYS A 265 0.37 0.53 5.50
N ALA A 266 -0.46 0.59 6.54
CA ALA A 266 -1.78 1.18 6.45
C ALA A 266 -1.80 2.44 7.30
N LYS A 267 -2.57 3.44 6.88
CA LYS A 267 -2.76 4.62 7.74
C LYS A 267 -3.53 4.18 8.97
N CYS A 268 -3.18 4.76 10.12
CA CYS A 268 -3.94 4.51 11.35
C CYS A 268 -5.41 4.84 11.14
N PRO A 269 -6.31 3.91 11.53
CA PRO A 269 -7.77 4.03 11.42
C PRO A 269 -8.27 5.10 12.38
N PRO A 270 -9.52 5.55 12.23
CA PRO A 270 -10.04 6.66 13.03
C PRO A 270 -9.78 6.55 14.53
N HIS A 271 -9.36 7.67 15.12
CA HIS A 271 -9.20 7.80 16.58
C HIS A 271 -8.10 6.89 17.11
N SER A 272 -7.12 6.60 16.26
CA SER A 272 -5.87 5.99 16.70
C SER A 272 -4.72 6.67 15.97
N TYR A 273 -3.55 6.66 16.58
CA TYR A 273 -2.40 7.25 15.93
C TYR A 273 -1.13 6.48 16.24
N SER A 274 -0.11 6.70 15.42
CA SER A 274 1.21 6.15 15.65
C SER A 274 2.20 7.30 15.54
N VAL A 275 2.85 7.61 16.66
CA VAL A 275 3.71 8.79 16.72
C VAL A 275 5.15 8.49 16.35
N TRP A 276 5.48 7.21 16.21
CA TRP A 276 6.83 6.79 15.82
C TRP A 276 6.80 6.01 14.51
N GLU A 277 7.89 6.10 13.75
CA GLU A 277 8.08 5.27 12.58
C GLU A 277 8.26 3.81 13.01
N GLY A 278 8.09 2.89 12.07
CA GLY A 278 8.21 1.47 12.37
C GLY A 278 7.16 0.97 13.34
N ALA A 279 6.02 1.66 13.40
CA ALA A 279 4.97 1.31 14.34
C ALA A 279 4.21 0.03 13.96
N THR A 280 4.06 -0.88 14.92
CA THR A 280 3.28 -2.11 14.73
C THR A 280 1.86 -1.94 15.30
N SER A 281 1.63 -0.82 15.94
CA SER A 281 0.36 -0.60 16.63
C SER A 281 -0.05 0.84 16.52
N CYS A 282 -1.32 1.11 16.77
CA CYS A 282 -1.79 2.47 16.80
C CYS A 282 -2.37 2.82 18.16
N THR A 283 -1.70 3.74 18.85
CA THR A 283 -2.15 4.18 20.17
C THR A 283 -3.47 4.91 20.05
N CYS A 284 -4.43 4.55 20.91
CA CYS A 284 -5.75 5.16 20.87
C CYS A 284 -5.69 6.64 21.26
N ASP A 285 -6.43 7.47 20.54
CA ASP A 285 -6.48 8.90 20.84
C ASP A 285 -7.15 9.21 22.20
N ARG A 286 -6.81 10.36 22.77
CA ARG A 286 -7.33 10.73 24.08
C ARG A 286 -8.84 10.64 24.13
N GLY A 287 -9.36 10.00 25.19
CA GLY A 287 -10.79 9.81 25.34
C GLY A 287 -11.33 8.62 24.54
N PHE A 288 -10.44 7.96 23.80
CA PHE A 288 -10.84 6.84 22.95
C PHE A 288 -10.21 5.52 23.40
N PHE A 289 -10.89 4.42 23.09
CA PHE A 289 -10.53 3.11 23.61
C PHE A 289 -10.76 1.98 22.61
N ARG A 290 -10.42 0.77 23.00
CA ARG A 290 -10.81 -0.43 22.28
C ARG A 290 -11.26 -1.46 23.31
N ALA A 291 -12.35 -2.16 23.00
CA ALA A 291 -12.85 -3.22 23.87
C ALA A 291 -11.95 -4.44 23.83
N ASP A 292 -12.08 -5.32 24.84
CA ASP A 292 -11.34 -6.57 24.91
C ASP A 292 -11.49 -7.40 23.63
N ASN A 293 -12.70 -7.42 23.08
CA ASN A 293 -12.93 -8.01 21.77
C ASN A 293 -12.53 -6.93 20.76
N ASP A 294 -11.48 -7.21 19.99
CA ASP A 294 -10.67 -6.13 19.44
C ASP A 294 -10.02 -6.44 18.11
N ALA A 295 -9.84 -5.40 17.30
CA ALA A 295 -8.93 -5.43 16.17
C ALA A 295 -8.20 -4.10 16.09
N ALA A 296 -6.87 -4.13 16.03
CA ALA A 296 -6.06 -2.91 15.98
C ALA A 296 -6.24 -2.17 14.65
N SER A 297 -6.82 -2.86 13.67
CA SER A 297 -7.24 -2.25 12.42
C SER A 297 -8.57 -1.49 12.61
N MET A 298 -9.41 -1.98 13.51
CA MET A 298 -10.68 -1.31 13.77
C MET A 298 -10.45 -0.03 14.58
N PRO A 299 -11.13 1.06 14.17
CA PRO A 299 -10.99 2.36 14.83
C PRO A 299 -11.35 2.31 16.32
N CYS A 300 -10.78 3.24 17.08
CA CYS A 300 -11.15 3.38 18.48
C CYS A 300 -12.51 4.04 18.57
N THR A 301 -13.20 3.81 19.68
CA THR A 301 -14.56 4.26 19.85
C THR A 301 -14.71 4.96 21.21
N ARG A 302 -15.90 5.47 21.49
CA ARG A 302 -16.11 6.24 22.71
C ARG A 302 -17.48 5.98 23.32
N PRO A 303 -17.63 6.21 24.64
CA PRO A 303 -18.95 6.17 25.28
C PRO A 303 -19.90 7.11 24.55
N PRO A 304 -21.19 6.75 24.46
CA PRO A 304 -22.07 7.58 23.64
C PRO A 304 -22.41 8.94 24.27
N SER A 305 -23.15 9.80 23.57
CA SER A 305 -23.68 11.01 24.21
C SER A 305 -24.92 10.60 24.99
N ALA A 306 -25.58 11.57 25.61
CA ALA A 306 -26.76 11.29 26.42
C ALA A 306 -27.93 10.94 25.52
N PRO A 307 -28.78 10.00 25.97
CA PRO A 307 -30.00 9.71 25.20
C PRO A 307 -30.88 10.95 25.11
N LEU A 308 -31.73 11.04 24.09
CA LEU A 308 -32.40 12.29 23.77
C LEU A 308 -33.90 12.16 23.90
N ASN A 309 -34.58 13.31 23.99
CA ASN A 309 -36.02 13.37 24.16
C ASN A 309 -36.45 12.41 25.24
N LEU A 310 -35.96 12.66 26.44
CA LEU A 310 -36.34 11.82 27.57
C LEU A 310 -37.77 12.23 27.94
N ILE A 311 -38.68 11.26 27.89
CA ILE A 311 -40.10 11.51 28.14
C ILE A 311 -40.67 10.57 29.21
N SER A 312 -41.30 11.15 30.22
CA SER A 312 -41.90 10.33 31.28
C SER A 312 -43.41 10.24 31.13
N ASN A 313 -43.95 9.07 31.47
CA ASN A 313 -45.37 8.91 31.65
C ASN A 313 -45.56 8.29 33.01
N VAL A 314 -46.55 8.77 33.76
CA VAL A 314 -46.84 8.17 35.05
C VAL A 314 -48.29 7.66 35.11
N ASN A 315 -48.44 6.50 35.72
CA ASN A 315 -49.74 5.94 36.05
C ASN A 315 -49.69 5.41 37.47
N GLU A 316 -50.42 6.04 38.38
CA GLU A 316 -50.40 5.64 39.79
C GLU A 316 -48.97 5.56 40.33
N THR A 317 -48.57 4.35 40.72
CA THR A 317 -47.21 4.09 41.19
C THR A 317 -46.26 3.65 40.07
N SER A 318 -46.80 3.42 38.88
CA SER A 318 -45.99 2.92 37.75
C SER A 318 -45.52 4.03 36.80
N VAL A 319 -44.21 4.16 36.64
CA VAL A 319 -43.63 5.17 35.73
C VAL A 319 -43.17 4.53 34.42
N ASN A 320 -43.82 4.86 33.32
CA ASN A 320 -43.41 4.39 32.01
C ASN A 320 -42.53 5.40 31.32
N LEU A 321 -41.41 4.93 30.78
CA LEU A 321 -40.45 5.85 30.21
C LEU A 321 -40.12 5.52 28.75
N GLU A 322 -39.81 6.55 27.98
CA GLU A 322 -39.46 6.40 26.58
C GLU A 322 -38.38 7.42 26.24
N TRP A 323 -37.48 7.06 25.35
CA TRP A 323 -36.38 7.93 24.96
C TRP A 323 -35.94 7.66 23.53
N SER A 324 -34.85 8.28 23.11
CA SER A 324 -34.37 8.10 21.75
C SER A 324 -32.85 7.92 21.70
N SER A 325 -32.38 7.27 20.64
CA SER A 325 -30.96 7.03 20.45
C SER A 325 -30.16 8.33 20.58
N PRO A 326 -28.98 8.27 21.20
CA PRO A 326 -28.12 9.44 21.41
C PRO A 326 -27.72 10.07 20.09
N GLN A 327 -27.31 11.33 20.11
CA GLN A 327 -26.84 12.00 18.91
C GLN A 327 -25.53 11.41 18.41
N ASN A 328 -24.62 11.11 19.32
CA ASN A 328 -23.33 10.54 18.94
C ASN A 328 -23.14 9.16 19.56
N THR A 329 -23.16 8.12 18.74
CA THR A 329 -22.97 6.77 19.25
C THR A 329 -21.48 6.50 19.48
N GLY A 330 -20.61 7.23 18.78
CA GLY A 330 -19.18 7.22 19.07
C GLY A 330 -18.08 6.50 18.29
N GLY A 331 -18.35 5.43 17.54
CA GLY A 331 -19.64 4.81 17.44
C GLY A 331 -19.62 3.33 17.16
N ARG A 332 -20.70 2.70 17.61
CA ARG A 332 -20.86 1.26 17.55
C ARG A 332 -22.33 0.96 17.66
N GLN A 333 -22.73 -0.23 17.23
CA GLN A 333 -24.13 -0.63 17.28
C GLN A 333 -24.48 -1.48 18.51
N ASP A 334 -23.52 -1.62 19.42
CA ASP A 334 -23.67 -2.48 20.59
C ASP A 334 -24.33 -1.77 21.78
N ILE A 335 -24.82 -0.56 21.50
CA ILE A 335 -25.48 0.29 22.50
C ILE A 335 -26.61 -0.37 23.29
N SER A 336 -26.72 -0.01 24.58
CA SER A 336 -27.76 -0.54 25.48
C SER A 336 -28.01 0.47 26.61
N TYR A 337 -29.10 0.30 27.36
CA TYR A 337 -29.46 1.31 28.36
C TYR A 337 -29.69 0.75 29.77
N ASN A 338 -29.16 1.45 30.77
CA ASN A 338 -29.43 1.11 32.17
C ASN A 338 -30.24 2.21 32.89
N VAL A 339 -31.27 1.82 33.63
CA VAL A 339 -32.12 2.80 34.30
C VAL A 339 -31.71 2.96 35.76
N VAL A 340 -31.66 4.20 36.24
CA VAL A 340 -31.26 4.49 37.63
C VAL A 340 -32.38 5.12 38.48
N CYS A 341 -32.92 4.38 39.43
CA CYS A 341 -33.98 4.91 40.31
C CYS A 341 -33.45 5.65 41.54
N LYS A 342 -34.19 6.68 41.96
CA LYS A 342 -33.81 7.45 43.14
C LYS A 342 -35.04 7.99 43.87
N LYS A 343 -34.83 8.43 45.11
CA LYS A 343 -35.87 9.10 45.90
C LYS A 343 -35.30 10.35 46.58
N CYS A 344 -35.79 11.53 46.23
CA CYS A 344 -35.42 12.74 46.97
C CYS A 344 -36.52 13.81 46.98
N GLY A 345 -36.21 15.01 47.46
CA GLY A 345 -37.20 16.06 47.52
C GLY A 345 -36.70 17.35 48.13
N PRO A 349 -30.86 17.98 46.45
CA PRO A 349 -29.62 17.44 45.85
C PRO A 349 -29.01 16.36 46.73
N SER A 350 -28.91 16.64 48.03
CA SER A 350 -28.24 15.76 48.97
C SER A 350 -28.97 14.44 49.17
N LYS A 351 -28.24 13.44 49.67
CA LYS A 351 -28.81 12.14 49.97
C LYS A 351 -29.46 11.49 48.75
N CYS A 352 -30.78 11.28 48.81
CA CYS A 352 -31.50 10.59 47.74
C CYS A 352 -31.00 9.16 47.54
N ARG A 353 -31.31 8.27 48.49
CA ARG A 353 -30.78 6.91 48.47
C ARG A 353 -31.55 5.97 47.50
N PRO A 354 -31.11 4.69 47.34
CA PRO A 354 -31.46 4.01 46.09
C PRO A 354 -32.93 3.62 45.89
N CYS A 355 -33.73 3.65 46.94
CA CYS A 355 -35.10 3.11 46.95
C CYS A 355 -35.11 1.59 46.75
N GLY A 356 -33.98 0.97 47.10
CA GLY A 356 -33.72 -0.44 46.82
C GLY A 356 -34.83 -1.39 47.19
N SER A 357 -35.14 -2.28 46.25
CA SER A 357 -36.33 -3.13 46.35
C SER A 357 -36.24 -4.28 45.34
N GLY A 358 -37.33 -5.05 45.24
CA GLY A 358 -37.43 -6.10 44.26
C GLY A 358 -38.26 -5.74 43.04
N VAL A 359 -38.40 -4.45 42.77
CA VAL A 359 -39.30 -3.96 41.72
C VAL A 359 -38.92 -4.38 40.30
N HIS A 360 -39.91 -4.29 39.40
CA HIS A 360 -39.69 -4.38 37.96
C HIS A 360 -40.35 -3.15 37.32
N TYR A 361 -39.73 -2.39 36.40
CA TYR A 361 -38.45 -2.59 35.67
C TYR A 361 -38.50 -3.45 34.42
N THR A 362 -39.67 -4.00 34.13
CA THR A 362 -39.88 -4.78 32.92
C THR A 362 -39.50 -3.99 31.66
N PRO A 363 -38.90 -4.67 30.67
CA PRO A 363 -38.37 -6.05 30.68
C PRO A 363 -37.04 -6.28 31.43
N GLN A 364 -36.16 -5.28 31.55
CA GLN A 364 -34.79 -5.52 32.05
C GLN A 364 -34.31 -4.66 33.22
N GLN A 365 -34.25 -3.35 32.99
CA GLN A 365 -33.60 -2.32 33.83
C GLN A 365 -32.09 -2.17 33.62
N ASN A 366 -31.48 -3.13 32.94
CA ASN A 366 -30.06 -3.01 32.57
C ASN A 366 -29.70 -3.84 31.33
N GLY A 367 -28.70 -3.39 30.58
CA GLY A 367 -28.34 -4.01 29.33
C GLY A 367 -29.51 -4.07 28.36
N LEU A 368 -30.19 -2.93 28.19
CA LEU A 368 -31.45 -2.88 27.44
C LEU A 368 -31.29 -2.36 26.01
N LYS A 369 -31.76 -3.15 25.04
CA LYS A 369 -31.62 -2.82 23.63
C LYS A 369 -32.78 -1.99 23.06
N THR A 370 -33.89 -1.92 23.78
CA THR A 370 -35.02 -1.14 23.28
C THR A 370 -35.01 0.27 23.86
N THR A 371 -35.91 1.12 23.38
CA THR A 371 -36.05 2.47 23.89
C THR A 371 -37.17 2.64 24.93
N LYS A 372 -37.74 1.53 25.37
CA LYS A 372 -38.82 1.57 26.36
C LYS A 372 -38.57 0.70 27.60
N VAL A 373 -39.02 1.21 28.74
CA VAL A 373 -39.05 0.44 29.97
C VAL A 373 -40.28 0.89 30.75
N SER A 374 -40.92 -0.06 31.42
CA SER A 374 -42.06 0.27 32.26
C SER A 374 -41.68 -0.07 33.69
N ILE A 375 -41.81 0.90 34.58
CA ILE A 375 -41.47 0.69 35.99
C ILE A 375 -42.78 0.47 36.74
N THR A 376 -42.78 -0.50 37.64
CA THR A 376 -43.98 -0.84 38.39
C THR A 376 -43.67 -1.04 39.87
N ASP A 377 -44.68 -0.79 40.71
CA ASP A 377 -44.59 -1.04 42.14
C ASP A 377 -43.46 -0.31 42.88
N LEU A 378 -43.50 1.02 42.88
CA LEU A 378 -42.68 1.80 43.81
C LEU A 378 -43.63 2.69 44.63
N LEU A 379 -43.12 3.41 45.63
CA LEU A 379 -44.06 4.04 46.57
C LEU A 379 -44.71 5.35 46.13
N ALA A 380 -45.87 5.63 46.73
CA ALA A 380 -46.94 6.38 46.08
C ALA A 380 -46.81 7.89 45.84
N HIS A 381 -46.62 8.67 46.90
CA HIS A 381 -46.70 10.13 46.74
C HIS A 381 -45.41 10.92 46.62
N THR A 382 -44.29 10.22 46.50
CA THR A 382 -42.98 10.84 46.66
C THR A 382 -42.28 11.20 45.33
N ASN A 383 -41.46 12.25 45.36
CA ASN A 383 -40.62 12.60 44.22
C ASN A 383 -39.51 11.56 44.03
N TYR A 384 -39.48 10.95 42.85
CA TYR A 384 -38.38 10.10 42.47
C TYR A 384 -37.52 10.85 41.44
N THR A 385 -36.40 10.26 41.05
CA THR A 385 -35.64 10.78 39.92
C THR A 385 -34.94 9.64 39.17
N PHE A 386 -34.96 9.72 37.84
CA PHE A 386 -34.42 8.68 37.01
C PHE A 386 -33.32 9.22 36.11
N GLU A 387 -32.25 8.44 35.96
CA GLU A 387 -31.22 8.66 34.95
C GLU A 387 -31.25 7.49 33.97
N ILE A 388 -31.45 7.79 32.68
CA ILE A 388 -31.34 6.76 31.66
C ILE A 388 -29.94 6.87 31.04
N TRP A 389 -29.17 5.80 31.14
CA TRP A 389 -27.79 5.77 30.67
C TRP A 389 -27.66 5.05 29.35
N ALA A 390 -27.07 5.73 28.38
CA ALA A 390 -26.69 5.07 27.14
C ALA A 390 -25.34 4.39 27.37
N VAL A 391 -25.26 3.10 27.09
CA VAL A 391 -24.02 2.33 27.28
C VAL A 391 -23.57 1.72 25.95
N ASN A 392 -22.29 1.36 25.87
CA ASN A 392 -21.74 0.57 24.74
C ASN A 392 -20.59 -0.34 25.22
N GLY A 393 -19.84 -0.92 24.28
CA GLY A 393 -18.72 -1.81 24.63
C GLY A 393 -17.56 -1.14 25.37
N VAL A 394 -17.32 0.13 25.08
CA VAL A 394 -16.46 0.97 25.92
C VAL A 394 -17.34 1.68 26.98
N SER A 395 -16.81 2.71 27.62
CA SER A 395 -17.49 3.47 28.70
C SER A 395 -17.38 2.76 30.05
N LYS A 396 -16.93 1.52 30.04
CA LYS A 396 -16.49 0.89 31.28
C LYS A 396 -15.13 1.48 31.57
N TYR A 397 -14.48 1.97 30.52
CA TYR A 397 -13.20 2.67 30.60
C TYR A 397 -13.34 4.15 31.01
N ASN A 398 -14.42 4.80 30.58
CA ASN A 398 -14.73 6.14 31.07
C ASN A 398 -16.21 6.43 31.25
N PRO A 399 -16.80 5.92 32.34
CA PRO A 399 -18.20 6.26 32.62
C PRO A 399 -18.33 7.72 33.03
N ASN A 400 -19.35 8.40 32.50
CA ASN A 400 -19.65 9.78 32.88
C ASN A 400 -21.17 9.99 32.87
N PRO A 401 -21.70 10.78 33.82
CA PRO A 401 -23.12 11.11 33.91
C PRO A 401 -23.72 11.85 32.70
N ASP A 402 -22.87 12.37 31.83
CA ASP A 402 -23.34 13.00 30.59
C ASP A 402 -23.53 11.97 29.46
N GLN A 403 -23.36 10.70 29.82
CA GLN A 403 -23.82 9.57 29.02
C GLN A 403 -25.26 9.23 29.44
N SER A 404 -25.84 10.12 30.25
CA SER A 404 -27.20 9.98 30.72
C SER A 404 -27.90 11.33 30.83
N VAL A 405 -29.22 11.31 30.82
CA VAL A 405 -29.99 12.53 31.05
C VAL A 405 -31.06 12.17 32.08
N SER A 406 -31.60 13.17 32.78
CA SER A 406 -32.50 12.89 33.90
C SER A 406 -33.87 13.54 33.77
N VAL A 407 -34.85 12.94 34.42
CA VAL A 407 -36.17 13.56 34.54
C VAL A 407 -36.60 13.40 35.99
N THR A 408 -36.94 14.51 36.64
CA THR A 408 -37.51 14.44 37.98
C THR A 408 -39.02 14.27 37.84
N VAL A 409 -39.58 13.37 38.64
CA VAL A 409 -40.97 12.95 38.47
C VAL A 409 -41.65 12.84 39.83
N THR A 410 -42.98 12.92 39.84
CA THR A 410 -43.76 12.80 41.08
C THR A 410 -44.83 11.72 40.93
N THR A 411 -44.79 10.69 41.77
CA THR A 411 -45.72 9.58 41.59
C THR A 411 -47.12 9.98 42.02
N ASN A 412 -48.12 9.32 41.42
CA ASN A 412 -49.54 9.70 41.57
C ASN A 412 -49.86 11.13 41.13
N GLN A 413 -49.03 11.69 40.24
CA GLN A 413 -49.33 13.00 39.68
C GLN A 413 -50.23 12.80 38.46
N ALA A 414 -51.33 13.53 38.40
CA ALA A 414 -52.29 13.38 37.31
C ALA A 414 -51.78 14.00 35.99
N ALA A 415 -52.24 13.48 34.86
CA ALA A 415 -51.90 14.05 33.57
C ALA A 415 -52.65 15.37 33.38
N PRO A 416 -52.14 16.26 32.52
CA PRO A 416 -52.88 17.51 32.31
C PRO A 416 -54.17 17.28 31.52
N SER A 417 -55.13 18.18 31.62
CA SER A 417 -56.39 18.06 30.88
C SER A 417 -56.13 18.38 29.41
N SER A 418 -57.16 18.28 28.58
CA SER A 418 -56.98 18.61 27.18
C SER A 418 -57.13 20.12 27.00
N ILE A 419 -56.86 20.63 25.81
CA ILE A 419 -56.86 22.07 25.60
C ILE A 419 -58.23 22.72 25.31
N ALA A 420 -59.05 22.09 24.47
CA ALA A 420 -60.43 22.53 24.24
C ALA A 420 -60.64 23.88 23.51
N LEU A 421 -59.60 24.70 23.38
CA LEU A 421 -59.65 25.79 22.41
C LEU A 421 -58.33 25.98 21.66
N VAL A 422 -58.37 25.75 20.35
CA VAL A 422 -57.22 25.96 19.47
C VAL A 422 -57.75 26.81 18.34
N GLN A 423 -57.04 27.87 17.99
CA GLN A 423 -57.55 28.74 16.95
C GLN A 423 -56.57 29.03 15.84
N ALA A 424 -57.11 29.22 14.63
CA ALA A 424 -56.31 29.67 13.50
C ALA A 424 -56.24 31.18 13.60
N LYS A 425 -55.05 31.72 13.80
CA LYS A 425 -54.91 33.17 13.89
C LYS A 425 -54.78 33.87 12.53
N GLU A 426 -54.05 33.25 11.62
CA GLU A 426 -53.86 33.83 10.30
C GLU A 426 -53.69 32.70 9.32
N VAL A 427 -54.38 32.79 8.20
CA VAL A 427 -54.24 31.74 7.21
C VAL A 427 -53.77 32.35 5.89
N THR A 428 -52.76 31.74 5.26
CA THR A 428 -52.33 32.17 3.92
C THR A 428 -52.39 30.98 2.97
N ARG A 429 -51.98 31.17 1.71
CA ARG A 429 -52.00 30.07 0.77
C ARG A 429 -51.07 28.92 1.22
N TYR A 430 -49.96 29.26 1.85
CA TYR A 430 -48.98 28.27 2.30
C TYR A 430 -48.83 28.04 3.81
N SER A 431 -49.65 28.67 4.64
CA SER A 431 -49.37 28.62 6.06
C SER A 431 -50.61 28.77 6.91
N VAL A 432 -50.52 28.22 8.14
CA VAL A 432 -51.57 28.42 9.13
C VAL A 432 -50.90 28.78 10.47
N ALA A 433 -51.21 29.94 11.03
CA ALA A 433 -50.70 30.30 12.36
C ALA A 433 -51.72 29.85 13.40
N LEU A 434 -51.27 29.11 14.40
CA LEU A 434 -52.12 28.57 15.46
C LEU A 434 -51.83 29.25 16.80
N ALA A 435 -52.85 29.32 17.65
CA ALA A 435 -52.68 29.73 19.04
C ALA A 435 -53.69 28.97 19.88
N TRP A 436 -53.34 28.72 21.14
CA TRP A 436 -54.21 27.93 22.01
C TRP A 436 -54.05 28.36 23.46
N LEU A 437 -55.04 28.02 24.27
CA LEU A 437 -54.96 28.25 25.71
C LEU A 437 -54.14 27.17 26.40
N GLU A 438 -53.64 27.49 27.59
CA GLU A 438 -53.14 26.48 28.52
C GLU A 438 -54.31 25.55 28.87
N PRO A 439 -54.03 24.26 29.11
CA PRO A 439 -55.12 23.38 29.57
C PRO A 439 -55.71 23.86 30.92
N ASP A 440 -57.01 23.65 31.15
CA ASP A 440 -57.64 24.07 32.40
C ASP A 440 -56.88 23.62 33.63
N ARG A 441 -56.49 22.34 33.64
CA ARG A 441 -55.77 21.78 34.77
C ARG A 441 -54.48 21.15 34.30
N PRO A 442 -53.40 21.93 34.29
CA PRO A 442 -52.09 21.41 33.89
C PRO A 442 -51.65 20.31 34.86
N ASN A 443 -52.07 20.44 36.11
CA ASN A 443 -51.74 19.49 37.18
C ASN A 443 -50.25 19.37 37.44
N GLY A 444 -49.50 20.39 37.03
CA GLY A 444 -48.07 20.40 37.19
C GLY A 444 -47.48 21.43 36.25
N VAL A 445 -46.15 21.42 36.11
CA VAL A 445 -45.47 22.36 35.23
C VAL A 445 -45.46 21.86 33.78
N ILE A 446 -46.00 22.66 32.87
CA ILE A 446 -46.00 22.30 31.46
C ILE A 446 -44.59 22.41 30.88
N LEU A 447 -44.09 21.29 30.32
CA LEU A 447 -42.77 21.24 29.71
C LEU A 447 -42.72 21.70 28.24
N GLU A 448 -43.78 21.38 27.49
CA GLU A 448 -43.87 21.73 26.06
C GLU A 448 -45.25 21.35 25.53
N TYR A 449 -45.55 21.84 24.33
CA TYR A 449 -46.81 21.54 23.65
C TYR A 449 -46.46 20.81 22.39
N GLU A 450 -47.38 19.97 21.93
CA GLU A 450 -47.16 19.28 20.68
C GLU A 450 -48.34 19.52 19.76
N VAL A 451 -48.07 20.00 18.55
CA VAL A 451 -49.12 20.13 17.57
C VAL A 451 -49.03 18.95 16.63
N LYS A 452 -50.16 18.28 16.39
CA LYS A 452 -50.21 17.19 15.41
C LYS A 452 -51.07 17.65 14.25
N TYR A 453 -50.61 17.50 13.02
CA TYR A 453 -51.43 17.91 11.88
C TYR A 453 -51.30 17.01 10.65
N TYR A 454 -52.29 17.11 9.74
CA TYR A 454 -52.38 16.22 8.58
C TYR A 454 -53.48 16.70 7.66
N GLU A 455 -53.45 16.21 6.41
CA GLU A 455 -54.45 16.61 5.42
C GLU A 455 -55.73 15.90 5.76
N LYS A 456 -56.83 16.62 5.68
CA LYS A 456 -58.15 16.05 5.89
C LYS A 456 -58.39 14.78 5.06
N ASP A 457 -57.99 14.81 3.78
CA ASP A 457 -58.19 13.67 2.90
C ASP A 457 -57.25 12.48 3.23
N GLN A 458 -57.85 11.32 3.51
CA GLN A 458 -57.10 10.13 3.96
C GLN A 458 -56.07 9.63 2.96
N ASN A 459 -56.35 9.83 1.69
CA ASN A 459 -55.41 9.45 0.63
C ASN A 459 -54.37 10.55 0.46
N GLU A 460 -53.10 10.15 0.38
CA GLU A 460 -51.99 11.11 0.45
C GLU A 460 -52.17 11.97 1.71
N ARG A 461 -52.06 11.32 2.86
CA ARG A 461 -52.10 11.99 4.15
C ARG A 461 -50.80 11.70 4.86
N SER A 462 -50.17 12.75 5.37
CA SER A 462 -48.90 12.61 6.07
C SER A 462 -49.09 13.22 7.47
N TYR A 463 -48.87 12.44 8.53
CA TYR A 463 -48.99 12.94 9.91
C TYR A 463 -47.71 13.66 10.36
N ARG A 464 -47.83 14.93 10.72
CA ARG A 464 -46.65 15.69 11.17
C ARG A 464 -46.84 16.25 12.58
N ILE A 465 -45.71 16.50 13.24
CA ILE A 465 -45.70 16.90 14.64
C ILE A 465 -44.81 18.14 14.76
N VAL A 466 -45.28 19.17 15.46
CA VAL A 466 -44.47 20.33 15.78
C VAL A 466 -44.41 20.50 17.30
N ARG A 467 -43.22 20.70 17.85
CA ARG A 467 -43.06 20.85 19.30
C ARG A 467 -42.69 22.27 19.64
N THR A 468 -43.28 22.81 20.71
CA THR A 468 -42.97 24.18 21.06
C THR A 468 -43.12 24.45 22.54
N ALA A 469 -42.41 25.47 23.03
CA ALA A 469 -42.60 25.95 24.39
C ALA A 469 -43.76 26.94 24.50
N ALA A 470 -43.95 27.78 23.47
CA ALA A 470 -44.96 28.81 23.55
C ALA A 470 -46.31 28.20 23.17
N ARG A 471 -47.35 29.00 23.32
CA ARG A 471 -48.74 28.63 23.06
C ARG A 471 -49.21 28.97 21.63
N ASN A 472 -48.25 29.21 20.74
CA ASN A 472 -48.57 29.46 19.34
C ASN A 472 -47.49 28.89 18.44
N THR A 473 -47.80 28.70 17.17
CA THR A 473 -46.78 28.28 16.21
C THR A 473 -47.30 28.66 14.83
N ASP A 474 -46.40 28.82 13.87
CA ASP A 474 -46.81 29.07 12.49
C ASP A 474 -46.46 27.85 11.66
N ILE A 475 -47.46 27.15 11.16
CA ILE A 475 -47.20 25.94 10.39
C ILE A 475 -47.02 26.36 8.94
N LYS A 476 -45.84 26.11 8.38
CA LYS A 476 -45.48 26.64 7.08
C LYS A 476 -45.20 25.55 6.03
N GLY A 477 -44.98 25.98 4.79
CA GLY A 477 -44.70 25.04 3.73
C GLY A 477 -45.87 24.11 3.39
N LEU A 478 -47.11 24.58 3.50
CA LEU A 478 -48.26 23.71 3.21
C LEU A 478 -48.71 23.79 1.75
N ASN A 479 -49.61 22.90 1.32
CA ASN A 479 -50.27 22.99 0.02
C ASN A 479 -51.35 24.08 0.08
N PRO A 480 -51.53 24.85 -1.01
CA PRO A 480 -52.56 25.89 -1.07
C PRO A 480 -53.94 25.31 -1.29
N LEU A 481 -54.99 26.01 -0.86
CA LEU A 481 -56.37 25.61 -1.13
C LEU A 481 -56.56 24.16 -0.70
N THR A 482 -55.92 23.79 0.40
CA THR A 482 -55.96 22.39 0.85
C THR A 482 -56.43 22.35 2.31
N SER A 483 -57.29 21.38 2.60
CA SER A 483 -57.88 21.26 3.92
C SER A 483 -57.01 20.45 4.89
N TYR A 484 -56.68 21.03 6.04
CA TYR A 484 -55.83 20.37 7.04
C TYR A 484 -56.53 20.27 8.39
N VAL A 485 -56.05 19.36 9.23
CA VAL A 485 -56.63 19.15 10.56
C VAL A 485 -55.52 19.32 11.60
N PHE A 486 -55.78 20.09 12.66
CA PHE A 486 -54.78 20.32 13.70
C PHE A 486 -55.26 19.91 15.09
N HIS A 487 -54.38 19.29 15.87
CA HIS A 487 -54.66 18.97 17.27
C HIS A 487 -53.46 19.46 18.08
N VAL A 488 -53.67 19.82 19.34
CA VAL A 488 -52.58 20.23 20.23
C VAL A 488 -52.71 19.51 21.57
N ARG A 489 -51.60 19.14 22.19
CA ARG A 489 -51.62 18.59 23.53
C ARG A 489 -50.44 19.17 24.31
N ALA A 490 -50.52 19.11 25.64
CA ALA A 490 -49.46 19.62 26.50
C ALA A 490 -48.78 18.42 27.13
N ARG A 491 -47.51 18.55 27.51
CA ARG A 491 -46.82 17.48 28.24
C ARG A 491 -46.30 18.03 29.57
N THR A 492 -46.46 17.25 30.65
CA THR A 492 -45.80 17.56 31.91
C THR A 492 -45.02 16.31 32.29
N ALA A 493 -44.37 16.33 33.45
CA ALA A 493 -43.59 15.16 33.87
C ALA A 493 -44.49 13.95 34.09
N ALA A 494 -45.79 14.19 34.20
CA ALA A 494 -46.76 13.10 34.34
C ALA A 494 -47.23 12.52 32.99
N GLY A 495 -46.74 13.09 31.89
CA GLY A 495 -47.12 12.67 30.55
C GLY A 495 -47.99 13.60 29.71
N TYR A 496 -48.52 13.08 28.60
CA TYR A 496 -49.32 13.88 27.67
C TYR A 496 -50.77 14.00 28.12
N GLY A 497 -51.36 15.18 27.92
CA GLY A 497 -52.80 15.31 28.03
C GLY A 497 -53.42 14.78 26.74
N ASP A 498 -54.72 14.50 26.74
CA ASP A 498 -55.40 14.08 25.52
C ASP A 498 -55.36 15.22 24.50
N PHE A 499 -55.28 14.86 23.22
CA PHE A 499 -55.28 15.84 22.16
C PHE A 499 -56.59 16.65 22.15
N SER A 500 -56.51 17.89 21.69
CA SER A 500 -57.70 18.73 21.55
C SER A 500 -58.63 18.15 20.48
N GLU A 501 -59.90 18.56 20.50
CA GLU A 501 -60.80 18.24 19.40
C GLU A 501 -60.25 18.79 18.08
N PRO A 502 -60.54 18.11 16.94
CA PRO A 502 -59.90 18.50 15.66
C PRO A 502 -60.25 19.93 15.29
N LEU A 503 -59.27 20.72 14.88
CA LEU A 503 -59.54 22.02 14.24
C LEU A 503 -59.24 21.89 12.76
N GLU A 504 -60.23 22.20 11.93
CA GLU A 504 -60.06 22.08 10.48
C GLU A 504 -59.82 23.47 9.89
N VAL A 505 -58.76 23.58 9.09
CA VAL A 505 -58.43 24.85 8.48
C VAL A 505 -58.03 24.57 7.05
N THR A 506 -58.64 25.29 6.10
CA THR A 506 -58.27 25.17 4.69
C THR A 506 -57.39 26.35 4.27
N THR A 507 -56.20 26.05 3.74
CA THR A 507 -55.34 27.11 3.21
C THR A 507 -56.10 27.84 2.09
N ASN A 508 -55.82 29.12 1.92
CA ASN A 508 -56.59 30.00 1.03
C ASN A 508 -55.71 30.50 -0.11
N THR A 509 -56.15 31.55 -0.79
CA THR A 509 -55.30 32.16 -1.85
C THR A 509 -54.55 33.42 -1.47
N VAL A 510 -54.57 33.77 -0.20
CA VAL A 510 -53.89 34.99 0.24
C VAL A 510 -52.37 34.86 0.03
N PRO A 511 -51.76 35.85 -0.61
CA PRO A 511 -50.32 35.85 -0.89
C PRO A 511 -49.48 35.70 0.37
N SER A 512 -48.35 35.04 0.22
CA SER A 512 -47.39 34.95 1.29
C SER A 512 -46.56 36.22 1.30
N ARG A 513 -46.46 36.91 2.43
CA ARG A 513 -45.63 38.11 2.45
C ARG A 513 -44.14 37.79 2.62
N ILE A 514 -43.85 36.57 3.06
CA ILE A 514 -42.45 36.15 3.13
C ILE A 514 -41.89 36.04 1.70
N ILE A 515 -42.65 35.42 0.79
CA ILE A 515 -42.17 35.27 -0.59
C ILE A 515 -42.14 36.60 -1.34
N GLY A 516 -43.15 37.44 -1.11
CA GLY A 516 -43.22 38.77 -1.69
C GLY A 516 -43.43 38.79 -3.20
N ASP A 517 -42.57 39.55 -3.88
CA ASP A 517 -42.61 39.67 -5.34
C ASP A 517 -43.90 40.32 -5.82
#